data_7AA1
#
_entry.id   7AA1
#
_cell.length_a   78.560
_cell.length_b   78.560
_cell.length_c   78.560
_cell.angle_alpha   90.000
_cell.angle_beta   90.000
_cell.angle_gamma   90.000
#
_symmetry.space_group_name_H-M   'P 21 3'
#
loop_
_entity.id
_entity.type
_entity.pdbx_description
1 polymer 'Cellular retinoic acid-binding protein 2'
2 non-polymer '4-[2-(5,5,8,8-tetramethyl-6,7-dihydroquinoxalin-2-yl)ethynyl]benzoic acid'
3 water water
#
_entity_poly.entity_id   1
_entity_poly.type   'polypeptide(L)'
_entity_poly.pdbx_seq_one_letter_code
;MPNFSGNWKIIRSENFEELLKVLGVNVMLRKIAVAAASKPAVEIKQEGDTFYIKTSTTVRTTEINFKVGEEFEEQTVDGR
PCKSLVKWESENKMVCEQKLLKGEGPKTSWTRELTNDGELILTMTADDVVCTRVYVRE
;
_entity_poly.pdbx_strand_id   AAA
#
# COMPACT_ATOMS: atom_id res chain seq x y z
N PRO A 2 -15.82 4.28 11.54
CA PRO A 2 -14.59 3.47 11.43
C PRO A 2 -13.39 4.29 10.94
N ASN A 3 -12.33 4.44 11.75
CA ASN A 3 -11.33 5.55 11.66
C ASN A 3 -9.87 5.06 11.51
N PHE A 4 -9.32 5.16 10.29
CA PHE A 4 -7.95 4.70 9.95
C PHE A 4 -6.90 5.75 10.39
N SER A 5 -7.32 6.94 10.75
CA SER A 5 -6.41 8.07 11.12
C SER A 5 -5.40 7.60 12.14
N GLY A 6 -4.14 8.01 11.97
CA GLY A 6 -3.13 7.73 13.00
C GLY A 6 -1.76 7.65 12.39
N ASN A 7 -0.80 7.42 13.25
CA ASN A 7 0.62 7.12 12.94
C ASN A 7 0.84 5.65 13.26
N TRP A 8 1.22 4.91 12.24
CA TRP A 8 1.32 3.43 12.26
C TRP A 8 2.76 3.01 12.11
N LYS A 9 3.14 1.94 12.80
CA LYS A 9 4.42 1.26 12.62
C LYS A 9 4.21 -0.23 12.35
N ILE A 10 5.17 -0.85 11.67
CA ILE A 10 4.99 -2.23 11.14
C ILE A 10 5.29 -3.24 12.26
N ILE A 11 4.55 -4.35 12.29
CA ILE A 11 4.91 -5.53 13.17
C ILE A 11 5.17 -6.81 12.37
N ARG A 12 4.59 -6.97 11.20
CA ARG A 12 4.72 -8.21 10.41
C ARG A 12 4.75 -7.83 8.97
N SER A 13 5.47 -8.59 8.18
CA SER A 13 5.43 -8.47 6.72
C SER A 13 5.72 -9.83 6.13
N GLU A 14 5.07 -10.14 5.04
CA GLU A 14 5.35 -11.36 4.26
C GLU A 14 5.23 -11.03 2.78
N ASN A 15 6.17 -11.60 2.01
CA ASN A 15 6.21 -11.64 0.54
C ASN A 15 6.49 -10.27 -0.04
N PHE A 16 7.01 -9.33 0.73
CA PHE A 16 7.37 -8.01 0.13
C PHE A 16 8.42 -8.21 -0.98
N GLU A 17 9.47 -8.94 -0.64
CA GLU A 17 10.57 -9.23 -1.61
C GLU A 17 10.02 -10.01 -2.80
N GLU A 18 9.16 -11.00 -2.53
CA GLU A 18 8.56 -11.85 -3.56
C GLU A 18 7.74 -10.96 -4.47
N LEU A 19 7.00 -9.98 -3.91
CA LEU A 19 6.19 -9.03 -4.70
C LEU A 19 7.08 -8.23 -5.64
N LEU A 20 8.20 -7.68 -5.13
CA LEU A 20 9.08 -6.84 -5.95
C LEU A 20 9.68 -7.67 -7.08
N LYS A 21 9.94 -8.95 -6.82
CA LYS A 21 10.55 -9.93 -7.76
C LYS A 21 9.60 -10.12 -8.94
N VAL A 22 8.30 -10.33 -8.67
CA VAL A 22 7.24 -10.50 -9.70
C VAL A 22 7.19 -9.26 -10.57
N LEU A 23 7.40 -8.10 -9.95
CA LEU A 23 7.31 -6.82 -10.71
C LEU A 23 8.62 -6.58 -11.47
N GLY A 24 9.65 -7.39 -11.23
CA GLY A 24 10.90 -7.32 -12.00
C GLY A 24 11.82 -6.20 -11.52
N VAL A 25 11.75 -5.86 -10.25
CA VAL A 25 12.63 -4.84 -9.68
C VAL A 25 14.03 -5.46 -9.61
N ASN A 26 15.01 -4.72 -10.06
CA ASN A 26 16.42 -5.15 -10.02
C ASN A 26 16.78 -5.70 -8.63
N VAL A 27 17.49 -6.82 -8.57
CA VAL A 27 17.81 -7.51 -7.29
C VAL A 27 18.50 -6.56 -6.29
N MET A 28 19.40 -5.68 -6.72
CA MET A 28 20.06 -4.74 -5.77
C MET A 28 19.02 -3.75 -5.21
N LEU A 29 18.18 -3.19 -6.08
CA LEU A 29 17.13 -2.23 -5.64
C LEU A 29 16.16 -2.98 -4.74
N ARG A 30 15.87 -4.26 -5.04
CA ARG A 30 14.96 -5.04 -4.15
C ARG A 30 15.53 -5.14 -2.74
N LYS A 31 16.83 -5.39 -2.61
CA LYS A 31 17.50 -5.58 -1.31
C LYS A 31 17.46 -4.28 -0.52
N ILE A 32 17.71 -3.16 -1.19
CA ILE A 32 17.57 -1.83 -0.55
C ILE A 32 16.13 -1.62 -0.08
N ALA A 33 15.15 -1.86 -0.95
CA ALA A 33 13.74 -1.61 -0.62
C ALA A 33 13.32 -2.44 0.59
N VAL A 34 13.74 -3.71 0.62
CA VAL A 34 13.40 -4.64 1.71
C VAL A 34 13.96 -4.09 3.02
N ALA A 35 15.20 -3.62 3.01
CA ALA A 35 15.82 -2.97 4.19
C ALA A 35 15.00 -1.76 4.62
N ALA A 36 14.68 -0.87 3.68
CA ALA A 36 13.96 0.38 4.00
C ALA A 36 12.58 0.07 4.59
N ALA A 37 11.89 -0.90 3.96
CA ALA A 37 10.48 -1.26 4.23
C ALA A 37 10.37 -1.97 5.59
N SER A 38 11.48 -2.33 6.23
CA SER A 38 11.42 -3.00 7.55
C SER A 38 11.02 -1.97 8.62
N LYS A 39 11.22 -0.66 8.38
CA LYS A 39 11.01 0.38 9.40
C LYS A 39 10.26 1.59 8.83
N PRO A 40 9.04 1.42 8.30
CA PRO A 40 8.30 2.54 7.76
C PRO A 40 7.59 3.31 8.87
N ALA A 41 7.29 4.57 8.59
CA ALA A 41 6.30 5.36 9.34
C ALA A 41 5.14 5.68 8.40
N VAL A 42 3.94 5.26 8.79
CA VAL A 42 2.73 5.45 7.95
C VAL A 42 1.82 6.41 8.69
N GLU A 43 1.57 7.54 8.07
CA GLU A 43 0.61 8.54 8.56
C GLU A 43 -0.65 8.47 7.72
N ILE A 44 -1.79 8.24 8.36
CA ILE A 44 -3.11 8.33 7.68
C ILE A 44 -3.93 9.48 8.29
N LYS A 45 -4.47 10.30 7.41
CA LYS A 45 -5.52 11.28 7.80
C LYS A 45 -6.77 10.94 7.03
N GLN A 46 -7.85 10.66 7.78
CA GLN A 46 -9.16 10.26 7.18
C GLN A 46 -10.23 11.26 7.65
N GLU A 47 -10.96 11.83 6.70
CA GLU A 47 -12.17 12.67 6.90
C GLU A 47 -13.30 12.09 6.06
N GLY A 48 -14.19 11.33 6.69
CA GLY A 48 -15.19 10.56 5.92
C GLY A 48 -14.53 9.56 4.99
N ASP A 49 -14.85 9.62 3.70
CA ASP A 49 -14.28 8.75 2.64
C ASP A 49 -13.00 9.38 2.07
N THR A 50 -12.53 10.50 2.64
CA THR A 50 -11.37 11.21 2.06
C THR A 50 -10.12 10.81 2.85
N PHE A 51 -9.09 10.39 2.13
CA PHE A 51 -7.86 9.85 2.76
C PHE A 51 -6.60 10.58 2.23
N TYR A 52 -5.67 10.74 3.14
CA TYR A 52 -4.25 11.09 2.88
C TYR A 52 -3.42 10.00 3.53
N ILE A 53 -2.57 9.34 2.77
CA ILE A 53 -1.64 8.29 3.31
C ILE A 53 -0.22 8.64 2.89
N LYS A 54 0.62 8.89 3.89
CA LYS A 54 2.07 9.07 3.72
C LYS A 54 2.80 7.86 4.30
N THR A 55 3.55 7.20 3.42
CA THR A 55 4.40 6.06 3.81
C THR A 55 5.85 6.52 3.67
N SER A 56 6.54 6.67 4.80
CA SER A 56 7.91 7.23 4.89
C SER A 56 8.87 6.11 5.25
N THR A 57 9.98 6.04 4.55
CA THR A 57 11.14 5.27 5.01
C THR A 57 12.35 6.18 4.81
N THR A 58 13.50 5.76 5.29
CA THR A 58 14.75 6.55 5.15
C THR A 58 15.08 6.68 3.66
N VAL A 59 14.61 5.78 2.80
CA VAL A 59 15.06 5.77 1.39
C VAL A 59 13.99 6.39 0.51
N ARG A 60 12.73 6.14 0.77
CA ARG A 60 11.69 6.52 -0.23
C ARG A 60 10.43 6.86 0.55
N THR A 61 9.80 7.95 0.17
CA THR A 61 8.54 8.37 0.83
C THR A 61 7.48 8.47 -0.27
N THR A 62 6.26 7.99 -0.03
CA THR A 62 5.15 8.21 -0.97
C THR A 62 4.01 8.89 -0.21
N GLU A 63 3.23 9.71 -0.93
CA GLU A 63 2.03 10.39 -0.38
C GLU A 63 0.88 10.17 -1.36
N ILE A 64 -0.26 9.63 -0.90
CA ILE A 64 -1.41 9.51 -1.82
C ILE A 64 -2.60 10.25 -1.18
N ASN A 65 -3.44 10.78 -2.07
CA ASN A 65 -4.69 11.49 -1.70
C ASN A 65 -5.81 10.87 -2.51
N PHE A 66 -6.84 10.38 -1.85
CA PHE A 66 -7.96 9.79 -2.59
C PHE A 66 -9.20 9.92 -1.73
N LYS A 67 -10.30 9.72 -2.44
CA LYS A 67 -11.65 9.64 -1.88
C LYS A 67 -12.23 8.29 -2.33
N VAL A 68 -12.70 7.50 -1.38
CA VAL A 68 -13.26 6.15 -1.72
C VAL A 68 -14.37 6.35 -2.78
N GLY A 69 -14.32 5.63 -3.90
CA GLY A 69 -15.29 5.65 -5.01
C GLY A 69 -14.83 6.51 -6.18
N GLU A 70 -13.79 7.31 -6.02
CA GLU A 70 -13.33 8.25 -7.07
C GLU A 70 -11.94 7.91 -7.60
N GLU A 71 -11.80 7.90 -8.91
CA GLU A 71 -10.54 7.58 -9.61
C GLU A 71 -9.47 8.56 -9.14
N PHE A 72 -8.23 8.11 -8.92
CA PHE A 72 -7.07 8.99 -8.67
C PHE A 72 -5.84 8.37 -9.32
N GLU A 73 -4.73 9.09 -9.27
CA GLU A 73 -3.45 8.56 -9.78
C GLU A 73 -2.48 8.44 -8.62
N GLU A 74 -1.68 7.39 -8.67
CA GLU A 74 -0.57 7.16 -7.71
C GLU A 74 0.53 6.43 -8.48
N GLN A 75 1.42 5.74 -7.76
CA GLN A 75 2.39 4.81 -8.38
C GLN A 75 2.10 3.42 -7.87
N THR A 76 2.43 2.43 -8.69
CA THR A 76 2.57 1.03 -8.24
C THR A 76 3.66 0.97 -7.17
N VAL A 77 3.71 -0.14 -6.46
CA VAL A 77 4.76 -0.35 -5.44
C VAL A 77 6.14 -0.41 -6.12
N ASP A 78 6.24 -0.74 -7.42
CA ASP A 78 7.54 -0.67 -8.16
C ASP A 78 7.77 0.72 -8.77
N GLY A 79 6.95 1.73 -8.48
CA GLY A 79 7.27 3.12 -8.84
C GLY A 79 6.70 3.55 -10.19
N ARG A 80 5.77 2.80 -10.78
CA ARG A 80 5.18 3.10 -12.13
C ARG A 80 3.86 3.85 -11.97
N PRO A 81 3.68 5.03 -12.61
CA PRO A 81 2.42 5.74 -12.58
C PRO A 81 1.24 4.82 -12.95
N CYS A 82 0.16 4.92 -12.17
CA CYS A 82 -1.04 4.10 -12.38
C CYS A 82 -2.28 4.92 -12.06
N LYS A 83 -3.38 4.53 -12.67
CA LYS A 83 -4.74 4.99 -12.33
C LYS A 83 -5.35 3.98 -11.35
N SER A 84 -5.96 4.49 -10.32
CA SER A 84 -6.38 3.69 -9.15
C SER A 84 -7.84 4.00 -8.87
N LEU A 85 -8.57 3.02 -8.32
CA LEU A 85 -9.95 3.23 -7.82
C LEU A 85 -10.11 2.40 -6.55
N VAL A 86 -10.43 3.06 -5.47
CA VAL A 86 -10.69 2.42 -4.16
C VAL A 86 -12.19 2.33 -3.92
N LYS A 87 -12.63 1.18 -3.46
CA LYS A 87 -14.02 0.95 -3.01
C LYS A 87 -14.02 0.26 -1.64
N TRP A 88 -15.07 0.51 -0.85
CA TRP A 88 -15.33 -0.26 0.39
C TRP A 88 -15.73 -1.66 -0.01
N GLU A 89 -15.02 -2.66 0.48
CA GLU A 89 -15.49 -4.08 0.38
C GLU A 89 -16.44 -4.36 1.54
N SER A 90 -16.19 -3.77 2.69
CA SER A 90 -16.98 -3.87 3.93
C SER A 90 -16.74 -2.62 4.74
N GLU A 91 -17.36 -2.48 5.91
CA GLU A 91 -17.19 -1.27 6.74
C GLU A 91 -15.72 -1.06 7.09
N ASN A 92 -14.93 -2.11 7.20
CA ASN A 92 -13.57 -1.99 7.79
C ASN A 92 -12.49 -2.18 6.73
N LYS A 93 -12.85 -2.40 5.46
CA LYS A 93 -11.87 -2.84 4.44
C LYS A 93 -12.13 -2.16 3.11
N MET A 94 -11.08 -1.54 2.60
CA MET A 94 -11.10 -0.86 1.29
C MET A 94 -10.23 -1.65 0.33
N VAL A 95 -10.64 -1.68 -0.94
CA VAL A 95 -9.88 -2.44 -1.98
C VAL A 95 -9.63 -1.52 -3.15
N CYS A 96 -8.41 -1.58 -3.66
CA CYS A 96 -7.94 -0.66 -4.72
C CYS A 96 -7.44 -1.48 -5.93
N GLU A 97 -8.02 -1.22 -7.10
CA GLU A 97 -7.58 -1.76 -8.41
C GLU A 97 -6.75 -0.68 -9.11
N GLN A 98 -5.61 -1.08 -9.66
CA GLN A 98 -4.66 -0.18 -10.35
C GLN A 98 -4.57 -0.60 -11.83
N LYS A 99 -4.40 0.40 -12.71
CA LYS A 99 -4.10 0.22 -14.15
C LYS A 99 -2.90 1.12 -14.50
N LEU A 100 -1.84 0.51 -15.03
CA LEU A 100 -0.67 1.27 -15.55
C LEU A 100 -1.15 2.35 -16.53
N LEU A 101 -0.62 3.55 -16.39
CA LEU A 101 -0.85 4.68 -17.30
C LEU A 101 -0.14 4.35 -18.62
N LYS A 102 0.99 3.67 -18.58
CA LYS A 102 1.72 3.23 -19.80
C LYS A 102 2.35 1.87 -19.59
N GLY A 103 2.58 1.16 -20.69
CA GLY A 103 3.22 -0.15 -20.65
C GLY A 103 2.23 -1.20 -20.22
N GLU A 104 2.73 -2.41 -20.07
CA GLU A 104 1.98 -3.50 -19.42
C GLU A 104 2.88 -3.93 -18.29
N GLY A 105 2.41 -4.88 -17.50
CA GLY A 105 3.08 -5.41 -16.32
C GLY A 105 2.07 -6.25 -15.57
N PRO A 106 2.48 -6.94 -14.51
CA PRO A 106 1.53 -7.75 -13.75
C PRO A 106 0.36 -6.89 -13.28
N LYS A 107 -0.80 -7.52 -13.08
CA LYS A 107 -1.99 -6.90 -12.47
C LYS A 107 -1.70 -6.62 -10.99
N THR A 108 -1.83 -5.36 -10.56
CA THR A 108 -1.50 -4.94 -9.18
C THR A 108 -2.78 -4.40 -8.54
N SER A 109 -2.84 -4.56 -7.23
CA SER A 109 -3.94 -4.01 -6.41
C SER A 109 -3.44 -3.91 -4.97
N TRP A 110 -4.26 -3.29 -4.13
CA TRP A 110 -3.97 -3.25 -2.68
C TRP A 110 -5.25 -3.18 -1.89
N THR A 111 -5.16 -3.58 -0.64
CA THR A 111 -6.28 -3.46 0.29
C THR A 111 -5.78 -2.90 1.62
N ARG A 112 -6.62 -2.21 2.35
CA ARG A 112 -6.33 -1.78 3.73
C ARG A 112 -7.53 -2.09 4.60
N GLU A 113 -7.26 -2.72 5.73
CA GLU A 113 -8.32 -3.17 6.63
C GLU A 113 -7.98 -2.74 8.05
N LEU A 114 -8.98 -2.29 8.78
CA LEU A 114 -8.82 -1.90 10.19
C LEU A 114 -9.46 -2.99 11.03
N THR A 115 -8.70 -3.60 11.93
CA THR A 115 -9.19 -4.69 12.80
C THR A 115 -9.79 -4.16 14.09
N ASN A 116 -10.40 -5.07 14.83
CA ASN A 116 -11.01 -4.74 16.15
C ASN A 116 -9.95 -4.72 17.25
N ASP A 117 -8.68 -5.02 16.92
CA ASP A 117 -7.63 -5.13 17.99
C ASP A 117 -6.47 -4.17 17.68
N GLY A 118 -6.75 -2.99 17.09
CA GLY A 118 -5.73 -1.91 16.91
C GLY A 118 -4.70 -2.22 15.86
N GLU A 119 -5.07 -3.04 14.86
CA GLU A 119 -4.14 -3.33 13.76
C GLU A 119 -4.70 -2.68 12.49
N LEU A 120 -3.78 -2.42 11.60
CA LEU A 120 -4.08 -2.03 10.20
C LEU A 120 -3.38 -3.08 9.35
N ILE A 121 -4.12 -3.69 8.44
CA ILE A 121 -3.58 -4.73 7.54
C ILE A 121 -3.54 -4.12 6.13
N LEU A 122 -2.37 -4.09 5.55
CA LEU A 122 -2.16 -3.76 4.12
C LEU A 122 -1.92 -5.06 3.35
N THR A 123 -2.64 -5.30 2.27
CA THR A 123 -2.15 -6.30 1.29
C THR A 123 -1.79 -5.58 0.00
N MET A 124 -0.79 -6.11 -0.72
CA MET A 124 -0.42 -5.59 -2.04
C MET A 124 -0.25 -6.81 -2.93
N THR A 125 -0.87 -6.81 -4.10
CA THR A 125 -0.93 -8.01 -4.95
C THR A 125 -0.28 -7.69 -6.29
N ALA A 126 0.49 -8.61 -6.85
CA ALA A 126 0.97 -8.54 -8.25
C ALA A 126 0.77 -9.95 -8.83
N ASP A 127 -0.15 -10.07 -9.79
CA ASP A 127 -0.59 -11.38 -10.34
C ASP A 127 -1.00 -12.27 -9.16
N ASP A 128 -0.33 -13.37 -8.82
CA ASP A 128 -0.84 -14.13 -7.66
C ASP A 128 0.18 -14.10 -6.53
N VAL A 129 1.05 -13.10 -6.44
CA VAL A 129 1.86 -12.91 -5.21
C VAL A 129 1.11 -11.88 -4.35
N VAL A 130 0.86 -12.25 -3.12
CA VAL A 130 0.17 -11.36 -2.15
C VAL A 130 1.14 -11.07 -1.03
N CYS A 131 1.44 -9.77 -0.87
CA CYS A 131 2.17 -9.26 0.30
C CYS A 131 1.17 -8.82 1.38
N THR A 132 1.35 -9.28 2.61
CA THR A 132 0.54 -8.85 3.79
C THR A 132 1.44 -8.17 4.81
N ARG A 133 1.10 -6.93 5.16
CA ARG A 133 1.78 -6.11 6.15
C ARG A 133 0.79 -5.69 7.22
N VAL A 134 1.23 -5.82 8.44
CA VAL A 134 0.41 -5.49 9.61
C VAL A 134 1.08 -4.43 10.46
N TYR A 135 0.31 -3.43 10.78
CA TYR A 135 0.78 -2.25 11.56
C TYR A 135 -0.04 -2.05 12.81
N VAL A 136 0.57 -1.37 13.78
CA VAL A 136 -0.11 -0.92 15.00
C VAL A 136 0.18 0.56 15.17
N ARG A 137 -0.63 1.23 15.97
CA ARG A 137 -0.48 2.67 16.21
C ARG A 137 0.83 2.90 17.00
N GLU A 138 1.53 3.96 16.64
CA GLU A 138 2.73 4.51 17.34
C GLU A 138 2.27 5.59 18.31
#